data_8CGB
#
_entry.id   8CGB
#
_cell.length_a   52.320
_cell.length_b   84.100
_cell.length_c   154.870
_cell.angle_alpha   90.00
_cell.angle_beta   90.00
_cell.angle_gamma   90.00
#
_symmetry.space_group_name_H-M   'P 21 21 21'
#
loop_
_entity.id
_entity.type
_entity.pdbx_description
1 polymer "Cap-specific mRNA (nucleoside-2'-O-)-methyltransferase"
2 non-polymer S-ADENOSYL-L-HOMOCYSTEINE
3 water water
#
_entity_poly.entity_id   1
_entity_poly.type   'polypeptide(L)'
_entity_poly.pdbx_seq_one_letter_code
;MDVVSLDKPFMYFEEIDNELDYEPESANEVAKKLPYQGQLKLLLGELFFLSKLQRHGILDGATVVYIGSAPGTHIRYLRD
HFYNLGVIIKWMLIDGRHHDPILNGLRDVTLVTRFVDEEYLRSIKKQLHPSKIILISDVRSKRGGNEPSTADLLSNYALQ
NVMISILNPVASSLKWRCPFPDQWIKDFYIPHGNKMLQPFAPSYSAEMRLLSIYTGENMRLTRVTKSDAVNYEKKMYYLN
KIVRNKVVINFDYPNQEYDYFHMYFMLRTVYCNKTFPTTKAKILFLQQSIFRFLNIPTTSTEKVSHE
;
_entity_poly.pdbx_strand_id   A,B
#
loop_
_chem_comp.id
_chem_comp.type
_chem_comp.name
_chem_comp.formula
SAH non-polymer S-ADENOSYL-L-HOMOCYSTEINE 'C14 H20 N6 O5 S'
#
# COMPACT_ATOMS: atom_id res chain seq x y z
N MET A 1 -37.64 20.92 -11.59
CA MET A 1 -36.51 20.23 -12.22
C MET A 1 -36.64 20.18 -13.75
N ASP A 2 -35.53 19.87 -14.43
CA ASP A 2 -35.55 19.76 -15.88
C ASP A 2 -36.01 18.37 -16.29
N VAL A 3 -36.80 18.30 -17.36
CA VAL A 3 -37.30 17.02 -17.87
C VAL A 3 -36.32 16.49 -18.91
N VAL A 4 -36.32 15.18 -19.10
CA VAL A 4 -35.41 14.54 -20.06
C VAL A 4 -36.03 13.22 -20.48
N SER A 5 -35.53 12.66 -21.56
CA SER A 5 -36.00 11.38 -22.08
C SER A 5 -34.80 10.45 -22.30
N LEU A 6 -34.75 9.37 -21.55
CA LEU A 6 -33.61 8.47 -21.54
C LEU A 6 -34.05 7.04 -21.79
N ASP A 7 -33.16 6.27 -22.44
CA ASP A 7 -33.37 4.85 -22.56
C ASP A 7 -32.76 4.09 -21.40
N LYS A 8 -31.66 4.59 -20.84
CA LYS A 8 -31.03 3.97 -19.68
C LYS A 8 -30.22 5.03 -18.95
N PRO A 9 -29.96 4.83 -17.65
CA PRO A 9 -29.06 5.73 -16.93
C PRO A 9 -27.61 5.32 -17.12
N PHE A 10 -26.71 6.19 -16.66
CA PHE A 10 -25.29 5.86 -16.60
C PHE A 10 -25.08 4.85 -15.46
N MET A 11 -24.67 3.63 -15.80
CA MET A 11 -24.37 2.62 -14.78
C MET A 11 -22.93 2.71 -14.29
N TYR A 12 -21.99 2.98 -15.20
CA TYR A 12 -20.58 3.01 -14.85
C TYR A 12 -19.94 4.35 -15.24
N PHE A 13 -18.93 4.74 -14.46
CA PHE A 13 -18.33 6.06 -14.61
C PHE A 13 -17.98 6.38 -16.05
N GLU A 14 -17.51 5.38 -16.81
CA GLU A 14 -17.06 5.61 -18.18
C GLU A 14 -18.18 6.16 -19.06
N GLU A 15 -19.42 5.85 -18.74
CA GLU A 15 -20.53 6.25 -19.58
C GLU A 15 -20.84 7.74 -19.49
N ILE A 16 -20.37 8.43 -18.43
CA ILE A 16 -20.62 9.87 -18.32
C ILE A 16 -20.00 10.59 -19.52
N ASP A 17 -20.84 11.25 -20.32
CA ASP A 17 -20.42 11.78 -21.61
C ASP A 17 -20.29 13.31 -21.63
N ASN A 18 -20.03 13.92 -20.48
CA ASN A 18 -19.91 15.37 -20.46
C ASN A 18 -19.36 15.75 -19.10
N GLU A 19 -18.81 16.97 -19.00
CA GLU A 19 -18.20 17.44 -17.74
C GLU A 19 -18.63 18.87 -17.46
N LEU A 20 -18.40 19.29 -16.22
CA LEU A 20 -18.77 20.62 -15.78
C LEU A 20 -17.80 21.06 -14.69
N ASP A 21 -17.36 22.31 -14.75
CA ASP A 21 -16.42 22.82 -13.77
C ASP A 21 -17.03 22.85 -12.37
N TYR A 22 -16.39 22.14 -11.43
CA TYR A 22 -16.89 22.06 -10.07
C TYR A 22 -17.12 23.44 -9.52
N GLU A 23 -18.23 23.60 -8.80
CA GLU A 23 -18.57 24.82 -8.10
C GLU A 23 -18.69 24.53 -6.60
N PRO A 24 -18.00 25.27 -5.74
CA PRO A 24 -17.99 24.93 -4.30
C PRO A 24 -19.36 24.88 -3.64
N GLU A 25 -20.35 25.67 -4.11
CA GLU A 25 -21.67 25.72 -3.50
C GLU A 25 -22.19 24.32 -3.13
N SER A 26 -22.33 24.06 -1.83
CA SER A 26 -22.77 22.75 -1.35
C SER A 26 -23.19 22.84 0.12
N LYS A 33 -30.96 14.28 2.02
CA LYS A 33 -32.39 14.63 1.94
C LYS A 33 -33.26 13.48 2.46
N LEU A 34 -32.98 12.26 1.98
CA LEU A 34 -33.75 11.09 2.39
C LEU A 34 -33.26 10.58 3.74
N PRO A 35 -34.16 10.04 4.57
CA PRO A 35 -33.75 9.47 5.85
C PRO A 35 -33.00 8.15 5.65
N TYR A 36 -31.82 8.05 6.26
CA TYR A 36 -30.98 6.86 6.15
C TYR A 36 -30.50 6.62 4.73
N GLN A 37 -30.20 7.71 4.01
CA GLN A 37 -29.82 7.58 2.60
C GLN A 37 -28.50 6.82 2.45
N GLY A 38 -27.60 6.92 3.42
CA GLY A 38 -26.35 6.19 3.32
C GLY A 38 -26.54 4.69 3.25
N GLN A 39 -27.41 4.16 4.12
CA GLN A 39 -27.67 2.73 4.11
C GLN A 39 -28.37 2.30 2.82
N LEU A 40 -29.30 3.11 2.32
CA LEU A 40 -29.90 2.82 1.02
C LEU A 40 -28.85 2.77 -0.09
N LYS A 41 -27.99 3.78 -0.16
CA LYS A 41 -26.93 3.79 -1.16
C LYS A 41 -26.08 2.51 -1.13
N LEU A 42 -25.64 2.09 0.06
CA LEU A 42 -24.86 0.85 0.20
C LEU A 42 -25.65 -0.39 -0.20
N LEU A 43 -26.85 -0.54 0.33
CA LEU A 43 -27.66 -1.71 0.05
C LEU A 43 -27.89 -1.89 -1.46
N LEU A 44 -28.12 -0.80 -2.19
CA LEU A 44 -28.34 -0.93 -3.61
C LEU A 44 -27.10 -1.44 -4.33
N GLY A 45 -25.97 -0.74 -4.13
CA GLY A 45 -24.73 -1.13 -4.78
C GLY A 45 -24.29 -2.55 -4.40
N GLU A 46 -24.58 -2.97 -3.18
CA GLU A 46 -24.17 -4.30 -2.75
C GLU A 46 -25.14 -5.36 -3.26
N LEU A 47 -26.45 -5.05 -3.31
CA LEU A 47 -27.40 -5.92 -3.97
C LEU A 47 -27.06 -6.06 -5.46
N PHE A 48 -26.62 -4.96 -6.09
CA PHE A 48 -26.24 -5.04 -7.48
C PHE A 48 -25.02 -5.94 -7.67
N PHE A 49 -23.94 -5.65 -6.93
CA PHE A 49 -22.73 -6.41 -7.04
C PHE A 49 -22.96 -7.88 -6.73
N LEU A 50 -23.70 -8.16 -5.65
CA LEU A 50 -23.88 -9.55 -5.25
C LEU A 50 -24.81 -10.27 -6.22
N SER A 51 -25.82 -9.57 -6.77
CA SER A 51 -26.73 -10.20 -7.73
C SER A 51 -26.01 -10.49 -9.04
N LYS A 52 -25.05 -9.63 -9.42
CA LYS A 52 -24.27 -9.94 -10.59
C LYS A 52 -23.38 -11.17 -10.35
N LEU A 53 -22.91 -11.41 -9.09
CA LEU A 53 -22.16 -12.62 -8.80
C LEU A 53 -23.07 -13.82 -8.81
N GLN A 54 -24.32 -13.64 -8.35
CA GLN A 54 -25.30 -14.73 -8.45
C GLN A 54 -25.51 -15.15 -9.90
N ARG A 55 -25.59 -14.20 -10.82
CA ARG A 55 -25.78 -14.54 -12.22
C ARG A 55 -24.61 -15.38 -12.73
N HIS A 56 -23.37 -14.94 -12.45
CA HIS A 56 -22.18 -15.70 -12.84
C HIS A 56 -22.01 -16.95 -12.02
N GLY A 57 -22.92 -17.25 -11.09
CA GLY A 57 -22.86 -18.51 -10.38
C GLY A 57 -21.68 -18.64 -9.46
N ILE A 58 -21.09 -17.53 -9.03
CA ILE A 58 -19.93 -17.54 -8.14
C ILE A 58 -20.26 -17.14 -6.73
N LEU A 59 -21.50 -16.81 -6.46
CA LEU A 59 -21.94 -16.41 -5.14
C LEU A 59 -22.29 -17.62 -4.26
N ASP A 60 -22.90 -18.64 -4.83
CA ASP A 60 -23.33 -19.78 -4.04
C ASP A 60 -22.11 -20.54 -3.49
N GLY A 61 -22.09 -20.76 -2.20
CA GLY A 61 -20.96 -21.40 -1.59
C GLY A 61 -19.85 -20.47 -1.18
N ALA A 62 -20.05 -19.17 -1.33
CA ALA A 62 -19.04 -18.18 -1.03
C ALA A 62 -19.18 -17.69 0.42
N THR A 63 -18.07 -17.14 0.95
CA THR A 63 -18.11 -16.41 2.20
C THR A 63 -17.91 -14.94 1.86
N VAL A 64 -18.84 -14.10 2.31
CA VAL A 64 -18.72 -12.66 2.09
C VAL A 64 -17.98 -12.05 3.28
N VAL A 65 -16.85 -11.42 3.00
CA VAL A 65 -16.05 -10.76 4.02
C VAL A 65 -16.21 -9.26 3.84
N TYR A 66 -16.89 -8.62 4.80
CA TYR A 66 -17.25 -7.21 4.70
C TYR A 66 -16.41 -6.44 5.70
N ILE A 67 -15.40 -5.70 5.20
CA ILE A 67 -14.53 -4.97 6.10
C ILE A 67 -14.95 -3.50 6.15
N GLY A 68 -15.12 -3.00 7.38
CA GLY A 68 -15.70 -1.67 7.55
C GLY A 68 -17.21 -1.68 7.45
N SER A 69 -17.87 -2.69 8.04
CA SER A 69 -19.29 -2.92 7.87
C SER A 69 -20.15 -2.23 8.92
N ALA A 70 -19.57 -1.69 10.00
CA ALA A 70 -20.31 -1.15 11.08
C ALA A 70 -20.83 0.23 10.69
N PRO A 71 -22.08 0.58 11.06
CA PRO A 71 -23.03 -0.22 11.82
C PRO A 71 -23.67 -1.31 10.95
N GLY A 72 -23.77 -1.08 9.63
CA GLY A 72 -24.23 -2.14 8.73
C GLY A 72 -25.67 -2.56 8.92
N THR A 73 -26.57 -1.63 9.24
CA THR A 73 -27.99 -1.95 9.32
C THR A 73 -28.49 -2.62 8.03
N HIS A 74 -28.11 -2.05 6.87
CA HIS A 74 -28.60 -2.58 5.61
C HIS A 74 -28.15 -4.03 5.38
N ILE A 75 -27.03 -4.44 5.96
CA ILE A 75 -26.55 -5.79 5.71
C ILE A 75 -27.59 -6.83 6.09
N ARG A 76 -28.39 -6.56 7.14
CA ARG A 76 -29.42 -7.52 7.52
C ARG A 76 -30.43 -7.77 6.37
N TYR A 77 -30.68 -6.74 5.52
CA TYR A 77 -31.57 -6.95 4.38
C TYR A 77 -30.89 -7.80 3.30
N LEU A 78 -29.61 -7.52 3.00
CA LEU A 78 -28.83 -8.40 2.13
C LEU A 78 -28.93 -9.86 2.60
N ARG A 79 -28.52 -10.13 3.83
CA ARG A 79 -28.47 -11.51 4.30
C ARG A 79 -29.83 -12.19 4.19
N ASP A 80 -30.89 -11.49 4.61
CA ASP A 80 -32.22 -12.09 4.50
C ASP A 80 -32.57 -12.38 3.05
N HIS A 81 -32.25 -11.43 2.15
CA HIS A 81 -32.61 -11.58 0.74
C HIS A 81 -32.04 -12.85 0.14
N PHE A 82 -30.72 -13.04 0.25
CA PHE A 82 -30.10 -14.25 -0.31
C PHE A 82 -30.45 -15.50 0.50
N TYR A 83 -30.64 -15.36 1.81
CA TYR A 83 -31.10 -16.49 2.60
C TYR A 83 -32.46 -16.98 2.08
N ASN A 84 -33.42 -16.07 1.87
CA ASN A 84 -34.72 -16.49 1.37
C ASN A 84 -34.64 -16.98 -0.08
N LEU A 85 -33.58 -16.65 -0.81
CA LEU A 85 -33.43 -17.20 -2.16
C LEU A 85 -32.83 -18.61 -2.16
N GLY A 86 -32.40 -19.12 -0.99
CA GLY A 86 -31.73 -20.40 -0.93
C GLY A 86 -30.27 -20.38 -1.29
N VAL A 87 -29.68 -19.20 -1.46
CA VAL A 87 -28.25 -19.10 -1.73
C VAL A 87 -27.48 -19.31 -0.43
N ILE A 88 -26.55 -20.26 -0.44
CA ILE A 88 -25.76 -20.58 0.75
C ILE A 88 -24.59 -19.60 0.84
N ILE A 89 -24.61 -18.76 1.86
CA ILE A 89 -23.62 -17.69 2.03
C ILE A 89 -23.26 -17.62 3.51
N LYS A 90 -21.98 -17.40 3.77
CA LYS A 90 -21.51 -17.11 5.11
C LYS A 90 -21.08 -15.65 5.12
N TRP A 91 -21.44 -14.93 6.17
CA TRP A 91 -21.14 -13.53 6.29
C TRP A 91 -20.17 -13.32 7.43
N MET A 92 -19.16 -12.51 7.20
CA MET A 92 -18.15 -12.19 8.23
C MET A 92 -17.95 -10.69 8.16
N LEU A 93 -18.42 -9.99 9.18
CA LEU A 93 -18.45 -8.52 9.21
C LEU A 93 -17.45 -8.07 10.27
N ILE A 94 -16.40 -7.40 9.83
CA ILE A 94 -15.26 -7.01 10.65
C ILE A 94 -15.20 -5.48 10.67
N ASP A 95 -15.23 -4.91 11.87
CA ASP A 95 -15.16 -3.47 12.03
C ASP A 95 -14.73 -3.15 13.45
N GLY A 96 -14.00 -2.03 13.58
CA GLY A 96 -13.60 -1.56 14.90
C GLY A 96 -14.77 -1.14 15.76
N ARG A 97 -15.75 -0.47 15.17
CA ARG A 97 -16.95 -0.06 15.87
C ARG A 97 -17.94 -1.21 15.97
N HIS A 98 -18.88 -1.07 16.89
CA HIS A 98 -19.91 -2.08 17.06
C HIS A 98 -20.93 -2.03 15.92
N HIS A 99 -21.53 -3.19 15.64
CA HIS A 99 -22.48 -3.29 14.57
C HIS A 99 -23.89 -3.00 15.08
N ASP A 100 -24.80 -2.74 14.15
CA ASP A 100 -26.20 -2.63 14.50
C ASP A 100 -26.69 -3.91 15.17
N PRO A 101 -27.30 -3.83 16.35
CA PRO A 101 -27.80 -5.07 17.00
C PRO A 101 -28.83 -5.82 16.17
N ILE A 102 -29.42 -5.20 15.13
CA ILE A 102 -30.35 -5.94 14.27
C ILE A 102 -29.67 -7.13 13.61
N LEU A 103 -28.32 -7.16 13.58
CA LEU A 103 -27.57 -8.26 13.01
C LEU A 103 -27.31 -9.38 14.01
N ASN A 104 -27.97 -9.37 15.15
CA ASN A 104 -27.71 -10.34 16.22
C ASN A 104 -28.56 -11.59 16.00
N GLY A 105 -28.02 -12.71 16.50
CA GLY A 105 -28.74 -13.96 16.48
C GLY A 105 -28.79 -14.67 15.16
N LEU A 106 -27.88 -14.36 14.24
CA LEU A 106 -27.87 -14.99 12.91
C LEU A 106 -26.67 -15.93 12.86
N ARG A 107 -26.96 -17.23 12.75
CA ARG A 107 -25.90 -18.23 12.81
C ARG A 107 -24.93 -18.10 11.63
N ASP A 108 -25.39 -17.62 10.48
CA ASP A 108 -24.58 -17.46 9.29
C ASP A 108 -23.88 -16.11 9.21
N VAL A 109 -24.05 -15.25 10.19
CA VAL A 109 -23.41 -13.93 10.25
C VAL A 109 -22.49 -13.91 11.46
N THR A 110 -21.20 -13.80 11.22
CA THR A 110 -20.21 -13.65 12.27
C THR A 110 -19.81 -12.17 12.37
N LEU A 111 -19.94 -11.61 13.58
CA LEU A 111 -19.60 -10.23 13.86
C LEU A 111 -18.25 -10.18 14.57
N VAL A 112 -17.30 -9.44 13.99
CA VAL A 112 -15.95 -9.34 14.52
C VAL A 112 -15.64 -7.89 14.81
N THR A 113 -15.23 -7.59 16.04
CA THR A 113 -14.97 -6.21 16.48
C THR A 113 -13.45 -6.04 16.52
N ARG A 114 -12.88 -5.53 15.45
CA ARG A 114 -11.44 -5.40 15.34
C ARG A 114 -11.09 -4.54 14.12
N PHE A 115 -9.98 -3.82 14.23
CA PHE A 115 -9.47 -3.02 13.12
C PHE A 115 -8.46 -3.88 12.34
N VAL A 116 -8.78 -4.17 11.05
CA VAL A 116 -7.98 -5.12 10.33
C VAL A 116 -6.65 -4.49 9.94
N ASP A 117 -5.58 -5.27 10.09
CA ASP A 117 -4.28 -4.93 9.57
C ASP A 117 -3.77 -6.12 8.74
N GLU A 118 -2.56 -5.98 8.20
CA GLU A 118 -1.99 -7.03 7.36
C GLU A 118 -1.92 -8.36 8.10
N GLU A 119 -1.46 -8.34 9.33
CA GLU A 119 -1.31 -9.57 10.10
C GLU A 119 -2.64 -10.28 10.26
N TYR A 120 -3.69 -9.55 10.62
CA TYR A 120 -4.98 -10.19 10.83
C TYR A 120 -5.58 -10.66 9.50
N LEU A 121 -5.35 -9.91 8.40
CA LEU A 121 -5.81 -10.35 7.11
C LEU A 121 -5.27 -11.75 6.78
N ARG A 122 -3.99 -12.04 7.17
CA ARG A 122 -3.46 -13.37 6.90
C ARG A 122 -4.14 -14.42 7.76
N SER A 123 -4.55 -14.06 8.97
CA SER A 123 -5.16 -15.07 9.83
C SER A 123 -6.55 -15.45 9.36
N ILE A 124 -7.32 -14.49 8.86
CA ILE A 124 -8.65 -14.87 8.38
C ILE A 124 -8.56 -15.59 7.03
N LYS A 125 -7.55 -15.28 6.21
CA LYS A 125 -7.32 -16.05 5.00
C LYS A 125 -7.01 -17.50 5.30
N LYS A 126 -6.11 -17.74 6.25
CA LYS A 126 -5.75 -19.12 6.57
C LYS A 126 -6.97 -19.91 7.08
N GLN A 127 -7.87 -19.23 7.81
CA GLN A 127 -9.00 -19.94 8.37
C GLN A 127 -10.10 -20.19 7.34
N LEU A 128 -10.23 -19.31 6.36
CA LEU A 128 -11.27 -19.46 5.35
C LEU A 128 -10.83 -20.28 4.16
N HIS A 129 -9.52 -20.33 3.91
CA HIS A 129 -9.00 -21.07 2.76
C HIS A 129 -9.35 -22.55 2.89
N PRO A 130 -9.68 -23.26 1.79
CA PRO A 130 -9.74 -22.79 0.39
C PRO A 130 -11.15 -22.46 -0.08
N SER A 131 -12.01 -21.96 0.81
CA SER A 131 -13.35 -21.51 0.43
C SER A 131 -13.31 -20.19 -0.36
N LYS A 132 -14.29 -20.03 -1.26
CA LYS A 132 -14.42 -18.80 -2.03
C LYS A 132 -14.64 -17.61 -1.10
N ILE A 133 -13.86 -16.56 -1.28
CA ILE A 133 -14.03 -15.31 -0.53
C ILE A 133 -14.51 -14.23 -1.50
N ILE A 134 -15.58 -13.53 -1.11
CA ILE A 134 -16.02 -12.31 -1.77
C ILE A 134 -15.75 -11.17 -0.80
N LEU A 135 -15.08 -10.13 -1.28
CA LEU A 135 -14.66 -9.01 -0.45
C LEU A 135 -15.56 -7.80 -0.71
N ILE A 136 -16.02 -7.19 0.37
CA ILE A 136 -16.69 -5.91 0.33
C ILE A 136 -15.99 -5.04 1.37
N SER A 137 -15.45 -3.89 0.90
CA SER A 137 -14.77 -2.93 1.75
C SER A 137 -15.46 -1.58 1.66
N ASP A 138 -15.81 -1.02 2.82
CA ASP A 138 -16.27 0.34 2.97
C ASP A 138 -15.51 1.05 4.08
N VAL A 139 -14.19 0.86 4.14
CA VAL A 139 -13.41 1.41 5.25
C VAL A 139 -13.12 2.88 4.97
N ARG A 140 -13.18 3.70 6.02
CA ARG A 140 -12.80 5.09 5.90
C ARG A 140 -12.23 5.53 7.24
N SER A 141 -11.09 6.21 7.19
CA SER A 141 -10.46 6.75 8.40
C SER A 141 -10.70 8.26 8.54
N GLU A 147 -14.02 15.33 7.74
CA GLU A 147 -13.67 14.91 6.37
C GLU A 147 -12.26 14.30 6.32
N PRO A 148 -12.06 13.34 5.41
CA PRO A 148 -10.75 12.66 5.31
C PRO A 148 -9.80 13.38 4.38
N SER A 149 -8.52 13.27 4.72
CA SER A 149 -7.48 13.89 3.91
C SER A 149 -7.01 12.94 2.80
N THR A 150 -6.27 13.49 1.84
CA THR A 150 -5.69 12.64 0.81
C THR A 150 -4.74 11.61 1.39
N ALA A 151 -4.06 11.93 2.49
CA ALA A 151 -3.27 10.93 3.18
C ALA A 151 -4.14 9.83 3.76
N ASP A 152 -5.29 10.20 4.31
CA ASP A 152 -6.20 9.17 4.82
C ASP A 152 -6.67 8.26 3.69
N LEU A 153 -7.11 8.85 2.57
CA LEU A 153 -7.54 8.06 1.43
C LEU A 153 -6.43 7.15 0.93
N LEU A 154 -5.22 7.69 0.79
CA LEU A 154 -4.12 6.89 0.28
C LEU A 154 -3.86 5.69 1.19
N SER A 155 -3.91 5.90 2.51
CA SER A 155 -3.75 4.77 3.41
C SER A 155 -4.92 3.79 3.28
N ASN A 156 -6.15 4.33 3.13
CA ASN A 156 -7.31 3.47 2.96
C ASN A 156 -7.17 2.61 1.71
N TYR A 157 -6.74 3.22 0.64
CA TYR A 157 -6.63 2.51 -0.61
C TYR A 157 -5.46 1.55 -0.59
N ALA A 158 -4.37 1.89 0.10
CA ALA A 158 -3.28 0.92 0.28
C ALA A 158 -3.76 -0.29 1.08
N LEU A 159 -4.49 -0.06 2.18
CA LEU A 159 -5.03 -1.20 2.92
C LEU A 159 -5.94 -2.05 2.05
N GLN A 160 -6.76 -1.42 1.21
CA GLN A 160 -7.68 -2.18 0.36
C GLN A 160 -6.93 -3.06 -0.62
N ASN A 161 -5.79 -2.55 -1.12
CA ASN A 161 -4.93 -3.34 -1.98
C ASN A 161 -4.39 -4.56 -1.22
N VAL A 162 -3.91 -4.33 0.02
CA VAL A 162 -3.45 -5.44 0.82
C VAL A 162 -4.59 -6.44 1.02
N MET A 163 -5.82 -5.94 1.23
CA MET A 163 -6.96 -6.84 1.33
C MET A 163 -7.03 -7.82 0.15
N ILE A 164 -6.84 -7.30 -1.06
CA ILE A 164 -6.98 -8.13 -2.25
C ILE A 164 -5.82 -9.09 -2.39
N SER A 165 -4.59 -8.59 -2.22
CA SER A 165 -3.40 -9.45 -2.39
C SER A 165 -3.34 -10.60 -1.37
N ILE A 166 -3.81 -10.37 -0.14
CA ILE A 166 -3.80 -11.43 0.85
C ILE A 166 -5.06 -12.28 0.78
N LEU A 167 -6.25 -11.66 0.83
CA LEU A 167 -7.47 -12.44 0.87
C LEU A 167 -7.71 -13.15 -0.46
N ASN A 168 -7.17 -12.63 -1.55
CA ASN A 168 -7.33 -13.21 -2.89
C ASN A 168 -8.80 -13.55 -3.16
N PRO A 169 -9.70 -12.58 -3.07
CA PRO A 169 -11.13 -12.89 -3.22
C PRO A 169 -11.42 -13.22 -4.69
N VAL A 170 -12.47 -14.03 -4.89
CA VAL A 170 -12.94 -14.28 -6.25
C VAL A 170 -13.50 -13.02 -6.89
N ALA A 171 -14.01 -12.10 -6.09
CA ALA A 171 -14.51 -10.84 -6.58
C ALA A 171 -14.52 -9.87 -5.41
N SER A 172 -14.63 -8.57 -5.74
CA SER A 172 -14.53 -7.56 -4.69
C SER A 172 -15.30 -6.29 -5.05
N SER A 173 -15.77 -5.62 -4.02
CA SER A 173 -16.36 -4.29 -4.13
C SER A 173 -15.63 -3.35 -3.19
N LEU A 174 -14.96 -2.35 -3.75
CA LEU A 174 -14.11 -1.45 -2.99
C LEU A 174 -14.60 -0.01 -3.09
N LYS A 175 -14.62 0.67 -1.95
CA LYS A 175 -14.86 2.09 -1.88
C LYS A 175 -13.84 2.80 -2.74
N TRP A 176 -14.31 3.66 -3.66
CA TRP A 176 -13.44 4.35 -4.60
C TRP A 176 -13.92 5.79 -4.77
N ARG A 177 -13.14 6.74 -4.22
CA ARG A 177 -13.36 8.17 -4.45
C ARG A 177 -11.99 8.80 -4.65
N CYS A 178 -11.71 9.28 -5.85
CA CYS A 178 -10.39 9.80 -6.13
C CYS A 178 -10.11 11.03 -5.28
N PRO A 179 -8.88 11.22 -4.83
CA PRO A 179 -8.56 12.48 -4.16
C PRO A 179 -8.79 13.66 -5.10
N PHE A 180 -9.19 14.78 -4.51
CA PHE A 180 -9.48 15.96 -5.33
C PHE A 180 -8.20 16.54 -5.91
N PRO A 181 -8.21 17.00 -7.17
CA PRO A 181 -6.96 17.48 -7.79
C PRO A 181 -6.24 18.55 -6.98
N ASP A 182 -6.96 19.44 -6.32
CA ASP A 182 -6.34 20.48 -5.52
C ASP A 182 -5.84 19.97 -4.18
N GLN A 183 -5.97 18.67 -3.91
CA GLN A 183 -5.38 18.05 -2.74
C GLN A 183 -4.43 16.92 -3.13
N TRP A 184 -3.98 16.88 -4.39
CA TRP A 184 -3.11 15.81 -4.84
C TRP A 184 -1.84 15.73 -3.98
N ILE A 185 -1.16 14.58 -4.08
CA ILE A 185 0.05 14.30 -3.30
C ILE A 185 1.01 13.50 -4.17
N LYS A 186 0.64 12.29 -4.53
CA LYS A 186 1.44 11.44 -5.40
C LYS A 186 0.51 10.57 -6.23
N ASP A 187 1.08 9.95 -7.24
CA ASP A 187 0.34 8.92 -7.96
C ASP A 187 0.19 7.67 -7.10
N PHE A 188 -0.94 7.00 -7.24
CA PHE A 188 -1.17 5.77 -6.48
C PHE A 188 -1.82 4.77 -7.41
N TYR A 189 -1.96 3.53 -6.92
CA TYR A 189 -2.44 2.41 -7.72
C TYR A 189 -3.69 1.78 -7.11
N ILE A 190 -4.59 1.35 -7.99
CA ILE A 190 -5.83 0.67 -7.58
C ILE A 190 -6.07 -0.49 -8.53
N PRO A 191 -6.91 -1.42 -8.13
CA PRO A 191 -7.16 -2.60 -8.96
C PRO A 191 -7.94 -2.25 -10.23
N HIS A 192 -7.84 -3.15 -11.20
CA HIS A 192 -8.73 -3.08 -12.35
C HIS A 192 -10.15 -3.46 -11.94
N GLY A 193 -11.14 -2.76 -12.49
CA GLY A 193 -12.52 -3.06 -12.16
C GLY A 193 -13.44 -2.10 -12.84
N ASN A 194 -14.74 -2.29 -12.59
CA ASN A 194 -15.78 -1.47 -13.16
C ASN A 194 -16.24 -0.45 -12.13
N LYS A 195 -16.27 0.82 -12.53
CA LYS A 195 -16.54 1.91 -11.60
C LYS A 195 -18.04 2.15 -11.55
N MET A 196 -18.71 1.42 -10.66
CA MET A 196 -20.16 1.41 -10.61
C MET A 196 -20.64 2.68 -9.88
N LEU A 197 -21.56 3.42 -10.55
CA LEU A 197 -22.16 4.64 -10.01
C LEU A 197 -23.27 4.33 -8.99
N GLN A 198 -23.43 5.24 -8.04
CA GLN A 198 -24.26 4.97 -6.87
C GLN A 198 -25.46 5.89 -6.86
N PRO A 199 -26.66 5.40 -7.10
CA PRO A 199 -27.83 6.22 -6.89
C PRO A 199 -27.99 6.49 -5.41
N PHE A 200 -28.56 7.67 -5.09
CA PHE A 200 -28.86 8.08 -3.72
C PHE A 200 -27.59 8.34 -2.91
N ALA A 201 -26.46 8.54 -3.59
CA ALA A 201 -25.28 9.06 -2.93
C ALA A 201 -25.49 10.52 -2.54
N PRO A 202 -24.68 11.05 -1.64
CA PRO A 202 -24.78 12.47 -1.30
C PRO A 202 -24.80 13.33 -2.56
N SER A 203 -25.55 14.45 -2.46
CA SER A 203 -25.86 15.33 -3.59
C SER A 203 -24.70 15.54 -4.53
N TYR A 204 -23.52 15.81 -3.99
CA TYR A 204 -22.34 16.10 -4.82
C TYR A 204 -21.14 15.21 -4.49
N SER A 205 -21.40 13.96 -4.12
CA SER A 205 -20.34 13.03 -3.85
C SER A 205 -19.74 12.52 -5.17
N ALA A 206 -18.43 12.36 -5.19
CA ALA A 206 -17.74 11.77 -6.33
C ALA A 206 -17.32 10.32 -6.07
N GLU A 207 -17.91 9.70 -5.06
CA GLU A 207 -17.54 8.33 -4.69
C GLU A 207 -18.31 7.30 -5.52
N MET A 208 -17.61 6.23 -5.90
CA MET A 208 -18.22 5.13 -6.62
C MET A 208 -17.75 3.81 -6.00
N ARG A 209 -18.21 2.69 -6.55
CA ARG A 209 -17.77 1.38 -6.11
C ARG A 209 -16.95 0.74 -7.23
N LEU A 210 -15.73 0.30 -6.90
CA LEU A 210 -14.90 -0.42 -7.84
C LEU A 210 -15.21 -1.92 -7.75
N LEU A 211 -15.90 -2.47 -8.74
CA LEU A 211 -16.32 -3.87 -8.77
C LEU A 211 -15.35 -4.66 -9.64
N SER A 212 -14.71 -5.69 -9.04
CA SER A 212 -13.71 -6.53 -9.73
C SER A 212 -14.11 -7.99 -9.63
N ILE A 213 -14.01 -8.68 -10.74
CA ILE A 213 -14.13 -10.14 -10.81
C ILE A 213 -12.81 -10.67 -11.35
N TYR A 214 -12.09 -11.41 -10.53
CA TYR A 214 -10.68 -11.73 -10.83
C TYR A 214 -10.60 -13.06 -11.57
N THR A 215 -10.02 -13.03 -12.77
CA THR A 215 -9.85 -14.21 -13.61
C THR A 215 -8.49 -14.87 -13.31
N ASN A 218 -6.09 -13.51 -10.04
CA ASN A 218 -5.02 -12.70 -10.60
C ASN A 218 -5.53 -11.27 -10.86
N MET A 219 -4.92 -10.29 -10.17
CA MET A 219 -5.31 -8.90 -10.25
C MET A 219 -4.19 -8.06 -10.88
N ARG A 220 -4.59 -6.95 -11.52
CA ARG A 220 -3.67 -6.02 -12.15
C ARG A 220 -3.96 -4.60 -11.64
N LEU A 221 -2.91 -3.90 -11.25
CA LEU A 221 -3.03 -2.56 -10.70
C LEU A 221 -2.88 -1.53 -11.79
N THR A 222 -3.54 -0.39 -11.60
CA THR A 222 -3.52 0.71 -12.56
C THR A 222 -3.19 2.00 -11.82
N ARG A 223 -2.37 2.84 -12.44
CA ARG A 223 -1.94 4.08 -11.83
C ARG A 223 -3.02 5.16 -11.96
N VAL A 224 -3.18 5.96 -10.91
CA VAL A 224 -4.11 7.08 -10.89
C VAL A 224 -3.29 8.35 -10.79
N THR A 225 -3.44 9.22 -11.79
CA THR A 225 -2.66 10.45 -11.89
C THR A 225 -3.50 11.64 -11.48
N LYS A 226 -2.84 12.79 -11.36
CA LYS A 226 -3.53 14.03 -11.01
C LYS A 226 -4.46 14.49 -12.12
N SER A 227 -4.12 14.18 -13.39
CA SER A 227 -5.06 14.47 -14.46
C SER A 227 -6.31 13.59 -14.36
N ASP A 228 -6.17 12.36 -13.85
CA ASP A 228 -7.34 11.53 -13.58
C ASP A 228 -8.21 12.18 -12.50
N ALA A 229 -7.59 12.71 -11.46
CA ALA A 229 -8.37 13.37 -10.41
C ALA A 229 -9.24 14.49 -10.99
N VAL A 230 -8.70 15.23 -11.97
CA VAL A 230 -9.46 16.31 -12.59
C VAL A 230 -10.60 15.75 -13.44
N ASN A 231 -10.34 14.66 -14.17
CA ASN A 231 -11.39 14.04 -14.94
C ASN A 231 -12.54 13.59 -14.04
N TYR A 232 -12.21 13.00 -12.90
CA TYR A 232 -13.23 12.53 -11.98
C TYR A 232 -14.05 13.70 -11.48
N GLU A 233 -13.37 14.75 -11.04
CA GLU A 233 -14.05 15.90 -10.48
C GLU A 233 -15.03 16.50 -11.46
N LYS A 234 -14.61 16.63 -12.71
CA LYS A 234 -15.47 17.29 -13.69
C LYS A 234 -16.63 16.39 -14.10
N LYS A 235 -16.36 15.10 -14.37
CA LYS A 235 -17.43 14.17 -14.74
C LYS A 235 -18.43 13.98 -13.58
N MET A 236 -17.93 13.82 -12.35
CA MET A 236 -18.85 13.64 -11.24
C MET A 236 -19.68 14.88 -10.99
N TYR A 237 -19.12 16.05 -11.22
CA TYR A 237 -19.91 17.27 -11.01
C TYR A 237 -21.04 17.38 -12.03
N TYR A 238 -20.72 17.16 -13.30
CA TYR A 238 -21.77 17.12 -14.31
C TYR A 238 -22.84 16.12 -13.95
N LEU A 239 -22.44 14.93 -13.50
CA LEU A 239 -23.41 13.92 -13.11
C LEU A 239 -24.29 14.40 -11.95
N ASN A 240 -23.69 15.05 -10.95
CA ASN A 240 -24.42 15.45 -9.77
C ASN A 240 -25.19 16.74 -10.01
N LYS A 241 -24.61 17.66 -10.76
CA LYS A 241 -25.29 18.93 -11.03
C LYS A 241 -26.41 18.77 -12.05
N ILE A 242 -26.12 18.19 -13.21
CA ILE A 242 -27.07 18.16 -14.32
C ILE A 242 -27.88 16.86 -14.35
N VAL A 243 -27.20 15.72 -14.51
CA VAL A 243 -27.90 14.47 -14.78
C VAL A 243 -28.85 14.13 -13.63
N ARG A 244 -28.30 14.03 -12.42
CA ARG A 244 -29.11 13.56 -11.29
C ARG A 244 -30.24 14.50 -10.94
N ASN A 245 -30.30 15.66 -11.57
CA ASN A 245 -31.39 16.61 -11.34
C ASN A 245 -32.44 16.61 -12.45
N LYS A 246 -32.43 15.63 -13.34
CA LYS A 246 -33.45 15.50 -14.37
C LYS A 246 -34.62 14.61 -13.89
N VAL A 247 -35.77 14.81 -14.52
CA VAL A 247 -36.92 13.94 -14.35
C VAL A 247 -37.07 13.18 -15.66
N VAL A 248 -37.03 11.85 -15.59
CA VAL A 248 -37.03 11.03 -16.80
C VAL A 248 -38.48 10.87 -17.23
N ILE A 249 -38.92 11.74 -18.16
CA ILE A 249 -40.37 11.93 -18.38
C ILE A 249 -40.99 10.69 -19.03
N ASN A 250 -40.19 9.90 -19.76
CA ASN A 250 -40.71 8.71 -20.39
C ASN A 250 -40.74 7.51 -19.46
N PHE A 251 -40.09 7.61 -18.30
CA PHE A 251 -39.97 6.45 -17.40
C PHE A 251 -41.34 6.12 -16.79
N ASP A 252 -41.72 4.85 -16.81
CA ASP A 252 -43.01 4.41 -16.27
C ASP A 252 -42.83 3.95 -14.81
N TYR A 253 -42.92 4.91 -13.87
CA TYR A 253 -42.68 4.60 -12.47
C TYR A 253 -43.33 5.69 -11.62
N PRO A 254 -43.76 5.38 -10.39
CA PRO A 254 -44.40 6.42 -9.56
C PRO A 254 -43.53 7.63 -9.35
N ASN A 255 -42.21 7.45 -9.29
CA ASN A 255 -41.26 8.54 -9.12
C ASN A 255 -40.32 8.54 -10.31
N GLN A 256 -40.30 9.64 -11.04
CA GLN A 256 -39.53 9.70 -12.28
C GLN A 256 -38.18 10.37 -12.13
N GLU A 257 -37.80 10.75 -10.91
CA GLU A 257 -36.48 11.38 -10.71
C GLU A 257 -35.34 10.42 -11.08
N TYR A 258 -34.23 11.00 -11.54
CA TYR A 258 -33.17 10.19 -12.10
C TYR A 258 -32.71 9.11 -11.13
N ASP A 259 -32.51 9.47 -9.88
CA ASP A 259 -32.03 8.48 -8.93
C ASP A 259 -32.95 7.27 -8.84
N TYR A 260 -34.26 7.46 -9.04
CA TYR A 260 -35.16 6.30 -9.06
C TYR A 260 -35.05 5.57 -10.41
N PHE A 261 -34.91 6.32 -11.49
CA PHE A 261 -34.58 5.72 -12.77
C PHE A 261 -33.32 4.85 -12.67
N HIS A 262 -32.26 5.41 -12.08
CA HIS A 262 -31.02 4.69 -11.87
C HIS A 262 -31.26 3.47 -10.96
N MET A 263 -31.89 3.68 -9.79
CA MET A 263 -32.18 2.55 -8.91
C MET A 263 -32.96 1.46 -9.63
N TYR A 264 -33.94 1.85 -10.45
CA TYR A 264 -34.74 0.88 -11.16
C TYR A 264 -33.87 -0.10 -11.93
N PHE A 265 -32.92 0.42 -12.73
CA PHE A 265 -32.10 -0.44 -13.57
C PHE A 265 -31.21 -1.36 -12.73
N MET A 266 -30.70 -0.86 -11.60
CA MET A 266 -29.97 -1.71 -10.68
C MET A 266 -30.86 -2.84 -10.15
N LEU A 267 -32.09 -2.50 -9.75
CA LEU A 267 -32.92 -3.47 -9.05
C LEU A 267 -33.36 -4.59 -9.97
N ARG A 268 -33.47 -4.35 -11.29
CA ARG A 268 -33.98 -5.40 -12.15
C ARG A 268 -32.96 -6.52 -12.39
N THR A 269 -31.72 -6.35 -11.95
CA THR A 269 -30.76 -7.43 -11.95
C THR A 269 -30.93 -8.37 -10.74
N VAL A 270 -31.79 -8.02 -9.80
CA VAL A 270 -31.93 -8.76 -8.57
C VAL A 270 -32.83 -9.96 -8.80
N TYR A 271 -32.63 -11.02 -8.01
CA TYR A 271 -33.43 -12.24 -8.08
C TYR A 271 -34.50 -12.22 -7.01
N CYS A 272 -35.64 -12.81 -7.34
CA CYS A 272 -36.79 -12.85 -6.44
C CYS A 272 -37.41 -14.24 -6.37
N ASN A 273 -37.84 -14.63 -5.16
CA ASN A 273 -38.57 -15.88 -5.03
C ASN A 273 -39.99 -15.73 -5.56
N LYS A 274 -40.64 -14.62 -5.21
CA LYS A 274 -41.98 -14.32 -5.70
C LYS A 274 -41.95 -14.05 -7.21
N THR A 275 -43.06 -14.39 -7.87
CA THR A 275 -43.26 -14.08 -9.28
C THR A 275 -44.27 -12.95 -9.41
N PHE A 276 -44.03 -12.03 -10.33
CA PHE A 276 -44.85 -10.84 -10.53
C PHE A 276 -45.34 -10.81 -11.97
N PRO A 277 -46.46 -10.12 -12.22
CA PRO A 277 -46.99 -10.05 -13.59
C PRO A 277 -46.16 -9.19 -14.50
N THR A 278 -45.35 -8.28 -13.97
CA THR A 278 -44.60 -7.35 -14.81
C THR A 278 -43.28 -7.06 -14.12
N THR A 279 -42.25 -6.76 -14.92
CA THR A 279 -40.99 -6.26 -14.34
C THR A 279 -41.24 -5.06 -13.41
N LYS A 280 -42.10 -4.10 -13.83
CA LYS A 280 -42.39 -2.95 -12.99
C LYS A 280 -42.93 -3.36 -11.63
N ALA A 281 -43.85 -4.30 -11.59
CA ALA A 281 -44.34 -4.80 -10.30
C ALA A 281 -43.23 -5.40 -9.45
N LYS A 282 -42.29 -6.13 -10.07
CA LYS A 282 -41.18 -6.69 -9.31
C LYS A 282 -40.30 -5.58 -8.73
N ILE A 283 -39.90 -4.61 -9.54
CA ILE A 283 -39.12 -3.49 -9.00
C ILE A 283 -39.91 -2.72 -7.94
N LEU A 284 -41.20 -2.48 -8.17
CA LEU A 284 -42.00 -1.75 -7.20
C LEU A 284 -42.03 -2.51 -5.87
N PHE A 285 -42.31 -3.81 -5.92
CA PHE A 285 -42.31 -4.59 -4.69
C PHE A 285 -40.94 -4.52 -4.01
N LEU A 286 -39.86 -4.69 -4.79
CA LEU A 286 -38.51 -4.65 -4.23
C LEU A 286 -38.22 -3.30 -3.57
N GLN A 287 -38.47 -2.20 -4.29
CA GLN A 287 -38.20 -0.87 -3.76
C GLN A 287 -38.95 -0.63 -2.47
N GLN A 288 -40.19 -1.08 -2.38
CA GLN A 288 -40.97 -0.83 -1.18
C GLN A 288 -40.41 -1.62 -0.01
N SER A 289 -40.06 -2.87 -0.28
CA SER A 289 -39.47 -3.73 0.73
C SER A 289 -38.19 -3.10 1.27
N ILE A 290 -37.32 -2.63 0.39
CA ILE A 290 -36.11 -1.95 0.83
C ILE A 290 -36.45 -0.73 1.66
N PHE A 291 -37.38 0.10 1.20
CA PHE A 291 -37.67 1.37 1.87
C PHE A 291 -38.33 1.12 3.22
N ARG A 292 -39.25 0.17 3.27
CA ARG A 292 -39.92 -0.14 4.53
C ARG A 292 -38.91 -0.58 5.57
N PHE A 293 -38.00 -1.51 5.21
CA PHE A 293 -36.99 -1.97 6.15
C PHE A 293 -36.12 -0.83 6.66
N LEU A 294 -35.70 0.06 5.76
CA LEU A 294 -34.86 1.18 6.14
C LEU A 294 -35.66 2.34 6.78
N ASN A 295 -36.99 2.23 6.86
CA ASN A 295 -37.82 3.26 7.45
C ASN A 295 -37.87 4.52 6.59
N ILE A 296 -37.87 4.33 5.27
CA ILE A 296 -37.93 5.45 4.33
C ILE A 296 -39.34 5.54 3.78
N PRO A 297 -40.03 6.69 3.92
CA PRO A 297 -41.37 6.85 3.34
C PRO A 297 -41.38 6.65 1.83
N ASP B 2 39.39 -7.77 -15.58
CA ASP B 2 40.80 -7.55 -15.30
C ASP B 2 41.12 -7.89 -13.84
N VAL B 3 42.36 -8.30 -13.58
CA VAL B 3 42.80 -8.66 -12.24
C VAL B 3 43.55 -7.49 -11.65
N VAL B 4 43.57 -7.44 -10.31
CA VAL B 4 44.18 -6.34 -9.60
C VAL B 4 44.50 -6.79 -8.17
N SER B 5 45.44 -6.11 -7.54
CA SER B 5 45.75 -6.33 -6.15
C SER B 5 45.16 -5.16 -5.36
N LEU B 6 44.49 -5.48 -4.25
CA LEU B 6 43.79 -4.47 -3.47
C LEU B 6 44.00 -4.71 -1.98
N ASP B 7 44.23 -3.63 -1.25
CA ASP B 7 44.30 -3.71 0.20
C ASP B 7 42.90 -3.86 0.81
N LYS B 8 41.98 -2.95 0.48
CA LYS B 8 40.64 -2.96 1.02
C LYS B 8 39.70 -2.41 -0.01
N PRO B 9 38.41 -2.72 0.07
CA PRO B 9 37.43 -2.15 -0.87
C PRO B 9 37.02 -0.75 -0.42
N PHE B 10 36.36 -0.06 -1.33
CA PHE B 10 35.82 1.27 -1.02
C PHE B 10 34.56 1.13 -0.18
N MET B 11 34.60 1.62 1.05
CA MET B 11 33.49 1.49 1.99
C MET B 11 32.52 2.66 1.90
N TYR B 12 33.06 3.88 1.79
CA TYR B 12 32.25 5.09 1.74
C TYR B 12 32.60 5.90 0.49
N PHE B 13 31.62 6.67 0.02
CA PHE B 13 31.79 7.39 -1.23
C PHE B 13 33.05 8.24 -1.24
N GLU B 14 33.45 8.76 -0.09
CA GLU B 14 34.58 9.68 -0.02
C GLU B 14 35.90 8.98 -0.27
N GLU B 15 35.90 7.64 -0.37
CA GLU B 15 37.11 6.89 -0.64
C GLU B 15 37.35 6.68 -2.14
N ILE B 16 36.32 6.83 -2.97
CA ILE B 16 36.50 6.71 -4.41
C ILE B 16 37.48 7.79 -4.86
N ASP B 17 38.62 7.36 -5.44
CA ASP B 17 39.75 8.23 -5.73
C ASP B 17 39.96 8.44 -7.23
N ASN B 18 38.87 8.52 -7.98
CA ASN B 18 38.97 8.69 -9.43
C ASN B 18 37.58 8.75 -10.02
N GLU B 19 37.49 9.30 -11.23
CA GLU B 19 36.22 9.50 -11.89
C GLU B 19 36.30 9.03 -13.34
N LEU B 20 35.12 8.88 -13.95
CA LEU B 20 35.02 8.49 -15.35
C LEU B 20 33.71 9.05 -15.93
N ASP B 21 33.81 9.77 -17.04
CA ASP B 21 32.63 10.36 -17.65
C ASP B 21 31.58 9.29 -17.94
N TYR B 22 30.33 9.62 -17.63
CA TYR B 22 29.24 8.66 -17.81
C TYR B 22 29.09 8.30 -19.28
N GLU B 23 28.56 7.09 -19.52
CA GLU B 23 28.33 6.61 -20.87
C GLU B 23 27.15 5.65 -20.90
N PRO B 24 26.12 5.89 -21.73
CA PRO B 24 24.92 5.06 -21.82
C PRO B 24 25.24 3.58 -22.09
N LYS B 33 21.59 -9.59 -11.80
CA LYS B 33 22.32 -10.84 -12.03
C LYS B 33 21.86 -11.94 -11.06
N LEU B 34 22.33 -11.88 -9.80
CA LEU B 34 22.01 -12.91 -8.83
C LEU B 34 20.51 -12.90 -8.50
N PRO B 35 19.96 -14.05 -8.11
CA PRO B 35 18.55 -14.08 -7.72
C PRO B 35 18.36 -13.38 -6.39
N TYR B 36 17.32 -12.55 -6.31
CA TYR B 36 17.04 -11.79 -5.09
C TYR B 36 18.21 -10.90 -4.70
N GLN B 37 18.97 -10.44 -5.68
CA GLN B 37 20.10 -9.55 -5.41
C GLN B 37 19.67 -8.31 -4.63
N GLY B 38 18.47 -7.79 -4.93
CA GLY B 38 18.00 -6.61 -4.21
C GLY B 38 17.87 -6.84 -2.72
N GLN B 39 17.33 -8.01 -2.34
CA GLN B 39 17.23 -8.34 -0.94
C GLN B 39 18.61 -8.52 -0.28
N LEU B 40 19.59 -9.01 -1.03
CA LEU B 40 20.93 -9.14 -0.50
C LEU B 40 21.57 -7.78 -0.27
N LYS B 41 21.39 -6.87 -1.25
CA LYS B 41 21.91 -5.52 -1.11
C LYS B 41 21.41 -4.86 0.18
N LEU B 42 20.11 -5.04 0.49
CA LEU B 42 19.55 -4.40 1.68
C LEU B 42 20.05 -5.08 2.96
N LEU B 43 19.99 -6.41 2.98
CA LEU B 43 20.46 -7.17 4.12
C LEU B 43 21.89 -6.78 4.50
N LEU B 44 22.81 -6.77 3.53
CA LEU B 44 24.22 -6.45 3.84
C LEU B 44 24.35 -5.06 4.43
N GLY B 45 23.75 -4.05 3.79
CA GLY B 45 23.91 -2.70 4.30
C GLY B 45 23.26 -2.52 5.66
N GLU B 46 22.12 -3.21 5.88
CA GLU B 46 21.43 -3.00 7.13
C GLU B 46 22.06 -3.82 8.23
N LEU B 47 22.52 -5.03 7.91
CA LEU B 47 23.31 -5.80 8.88
C LEU B 47 24.59 -5.06 9.24
N PHE B 48 25.21 -4.39 8.26
CA PHE B 48 26.39 -3.58 8.52
C PHE B 48 26.04 -2.38 9.41
N PHE B 49 25.00 -1.63 9.04
CA PHE B 49 24.60 -0.45 9.81
C PHE B 49 24.18 -0.85 11.22
N LEU B 50 23.30 -1.84 11.36
CA LEU B 50 22.80 -2.17 12.67
C LEU B 50 23.91 -2.72 13.54
N SER B 51 24.85 -3.46 12.94
CA SER B 51 25.97 -3.98 13.70
C SER B 51 26.83 -2.86 14.27
N LYS B 52 26.97 -1.76 13.54
CA LYS B 52 27.65 -0.58 14.09
C LYS B 52 26.90 -0.03 15.29
N LEU B 53 25.57 0.02 15.23
CA LEU B 53 24.80 0.51 16.36
C LEU B 53 24.94 -0.39 17.58
N GLN B 54 25.09 -1.71 17.36
CA GLN B 54 25.35 -2.62 18.47
C GLN B 54 26.70 -2.32 19.11
N ARG B 55 27.74 -2.18 18.30
CA ARG B 55 29.05 -1.80 18.79
C ARG B 55 29.00 -0.53 19.66
N HIS B 56 28.34 0.53 19.15
CA HIS B 56 28.20 1.76 19.92
C HIS B 56 27.26 1.62 21.11
N GLY B 57 26.63 0.44 21.28
CA GLY B 57 25.72 0.22 22.41
C GLY B 57 24.47 1.08 22.41
N ILE B 58 23.93 1.40 21.22
CA ILE B 58 22.70 2.18 21.11
C ILE B 58 21.60 1.42 20.38
N LEU B 59 21.79 0.12 20.17
CA LEU B 59 20.82 -0.71 19.47
C LEU B 59 19.88 -1.44 20.42
N ASP B 60 20.38 -1.89 21.56
CA ASP B 60 19.60 -2.71 22.49
C ASP B 60 18.45 -1.89 23.07
N GLY B 61 17.25 -2.48 23.11
CA GLY B 61 16.10 -1.80 23.62
C GLY B 61 15.44 -0.80 22.68
N ALA B 62 15.97 -0.62 21.48
CA ALA B 62 15.43 0.39 20.57
C ALA B 62 14.30 -0.18 19.72
N THR B 63 13.51 0.73 19.16
CA THR B 63 12.54 0.37 18.14
C THR B 63 13.11 0.78 16.81
N VAL B 64 13.04 -0.10 15.83
CA VAL B 64 13.50 0.19 14.46
C VAL B 64 12.28 0.56 13.62
N VAL B 65 12.21 1.80 13.15
CA VAL B 65 11.11 2.24 12.32
C VAL B 65 11.60 2.13 10.88
N TYR B 66 11.00 1.21 10.12
CA TYR B 66 11.46 0.92 8.78
C TYR B 66 10.35 1.31 7.83
N ILE B 67 10.48 2.47 7.22
CA ILE B 67 9.47 2.96 6.26
C ILE B 67 9.92 2.58 4.85
N GLY B 68 8.99 2.03 4.07
CA GLY B 68 9.34 1.46 2.79
C GLY B 68 9.97 0.08 2.91
N SER B 69 9.40 -0.78 3.75
CA SER B 69 10.01 -2.04 4.13
C SER B 69 9.57 -3.23 3.27
N ALA B 70 8.50 -3.11 2.51
CA ALA B 70 7.99 -4.25 1.77
C ALA B 70 8.81 -4.50 0.51
N PRO B 71 8.95 -5.75 0.12
CA PRO B 71 8.39 -6.96 0.74
C PRO B 71 9.11 -7.31 2.05
N GLY B 72 10.35 -6.88 2.21
CA GLY B 72 11.03 -7.04 3.48
C GLY B 72 11.42 -8.46 3.85
N THR B 73 11.77 -9.28 2.87
CA THR B 73 12.18 -10.65 3.16
C THR B 73 13.45 -10.67 4.01
N HIS B 74 14.43 -9.83 3.70
CA HIS B 74 15.70 -9.82 4.45
C HIS B 74 15.50 -9.40 5.89
N ILE B 75 14.43 -8.68 6.20
CA ILE B 75 14.25 -8.19 7.57
C ILE B 75 14.09 -9.35 8.52
N ARG B 76 13.58 -10.49 8.03
CA ARG B 76 13.43 -11.65 8.90
C ARG B 76 14.79 -12.18 9.33
N TYR B 77 15.78 -12.11 8.43
CA TYR B 77 17.13 -12.54 8.80
C TYR B 77 17.73 -11.57 9.80
N LEU B 78 17.57 -10.25 9.55
CA LEU B 78 18.04 -9.23 10.49
C LEU B 78 17.45 -9.48 11.87
N ARG B 79 16.11 -9.66 11.92
CA ARG B 79 15.42 -9.82 13.20
C ARG B 79 15.90 -11.08 13.93
N ASP B 80 16.06 -12.20 13.19
CA ASP B 80 16.55 -13.43 13.83
C ASP B 80 18.00 -13.30 14.28
N HIS B 81 18.84 -12.65 13.48
CA HIS B 81 20.25 -12.48 13.82
C HIS B 81 20.41 -11.83 15.20
N PHE B 82 19.78 -10.66 15.40
CA PHE B 82 19.99 -9.92 16.62
C PHE B 82 19.22 -10.52 17.76
N TYR B 83 18.02 -11.07 17.48
CA TYR B 83 17.25 -11.77 18.51
C TYR B 83 18.08 -12.89 19.13
N ASN B 84 18.70 -13.72 18.28
CA ASN B 84 19.45 -14.87 18.79
C ASN B 84 20.66 -14.46 19.62
N LEU B 85 21.08 -13.21 19.49
CA LEU B 85 22.19 -12.66 20.24
C LEU B 85 21.75 -12.02 21.57
N GLY B 86 20.47 -12.14 21.93
CA GLY B 86 19.95 -11.47 23.10
C GLY B 86 19.83 -9.97 22.99
N VAL B 87 19.74 -9.45 21.78
CA VAL B 87 19.54 -8.02 21.56
C VAL B 87 18.04 -7.79 21.41
N ILE B 88 17.49 -6.92 22.26
CA ILE B 88 16.07 -6.63 22.26
C ILE B 88 15.78 -5.49 21.29
N ILE B 89 15.15 -5.81 20.16
CA ILE B 89 14.74 -4.84 19.15
C ILE B 89 13.27 -5.04 18.85
N LYS B 90 12.49 -3.95 18.82
CA LYS B 90 11.11 -3.96 18.33
C LYS B 90 11.08 -3.41 16.92
N TRP B 91 10.37 -4.10 16.03
CA TRP B 91 10.35 -3.73 14.62
C TRP B 91 8.98 -3.16 14.25
N MET B 92 8.98 -1.98 13.62
CA MET B 92 7.77 -1.38 13.09
C MET B 92 7.95 -1.16 11.59
N LEU B 93 7.35 -2.05 10.77
CA LEU B 93 7.53 -2.00 9.33
C LEU B 93 6.31 -1.34 8.71
N ILE B 94 6.55 -0.24 7.97
CA ILE B 94 5.47 0.60 7.45
C ILE B 94 5.63 0.69 5.94
N ASP B 95 4.55 0.45 5.21
CA ASP B 95 4.56 0.52 3.75
C ASP B 95 3.08 0.54 3.27
N GLY B 96 2.90 0.58 1.95
CA GLY B 96 1.61 0.51 1.33
C GLY B 96 1.31 -0.76 0.58
N ARG B 97 2.17 -1.76 0.64
CA ARG B 97 1.92 -3.10 0.11
C ARG B 97 2.16 -4.10 1.24
N HIS B 98 1.72 -5.32 1.01
CA HIS B 98 1.90 -6.39 1.98
C HIS B 98 3.35 -6.84 2.03
N HIS B 99 3.72 -7.46 3.13
CA HIS B 99 5.07 -7.92 3.40
C HIS B 99 5.18 -9.42 3.17
N ASP B 100 6.41 -9.89 3.07
CA ASP B 100 6.68 -11.32 2.92
C ASP B 100 6.05 -12.11 4.07
N PRO B 101 5.32 -13.18 3.80
CA PRO B 101 4.72 -13.96 4.88
C PRO B 101 5.69 -14.48 5.93
N ILE B 102 7.01 -14.49 5.67
CA ILE B 102 7.94 -14.93 6.71
C ILE B 102 8.04 -13.95 7.87
N LEU B 103 7.42 -12.78 7.77
CA LEU B 103 7.33 -11.82 8.85
C LEU B 103 6.06 -11.97 9.67
N ASN B 104 5.19 -12.93 9.34
CA ASN B 104 3.97 -13.16 10.10
C ASN B 104 4.24 -14.04 11.30
N GLY B 105 3.53 -13.78 12.36
CA GLY B 105 3.70 -14.55 13.57
C GLY B 105 4.77 -14.04 14.50
N LEU B 106 5.45 -12.95 14.12
CA LEU B 106 6.49 -12.37 14.96
C LEU B 106 5.92 -11.26 15.82
N ARG B 107 5.84 -11.51 17.12
CA ARG B 107 5.18 -10.58 18.04
C ARG B 107 5.94 -9.26 18.16
N ASP B 108 7.27 -9.29 18.01
CA ASP B 108 8.09 -8.09 18.04
C ASP B 108 8.16 -7.36 16.67
N VAL B 109 7.41 -7.83 15.67
CA VAL B 109 7.38 -7.21 14.35
C VAL B 109 5.94 -6.81 14.07
N THR B 110 5.73 -5.51 13.92
CA THR B 110 4.40 -4.94 13.62
C THR B 110 4.41 -4.48 12.16
N LEU B 111 3.49 -5.02 11.37
CA LEU B 111 3.35 -4.65 9.97
C LEU B 111 2.25 -3.59 9.85
N VAL B 112 2.60 -2.41 9.32
CA VAL B 112 1.69 -1.29 9.28
C VAL B 112 1.45 -0.91 7.84
N THR B 113 0.17 -0.82 7.45
CA THR B 113 -0.23 -0.35 6.11
C THR B 113 -0.61 1.13 6.26
N ARG B 114 0.18 2.00 5.67
CA ARG B 114 -0.08 3.41 5.88
C ARG B 114 0.74 4.22 4.88
N PHE B 115 0.15 5.28 4.36
CA PHE B 115 0.84 6.29 3.57
C PHE B 115 1.37 7.34 4.53
N VAL B 116 2.68 7.38 4.72
CA VAL B 116 3.24 8.20 5.80
C VAL B 116 3.29 9.65 5.36
N ASP B 117 2.92 10.54 6.29
CA ASP B 117 3.11 11.97 6.14
C ASP B 117 3.54 12.54 7.50
N GLU B 118 3.78 13.86 7.54
CA GLU B 118 4.26 14.49 8.75
C GLU B 118 3.36 14.16 9.94
N GLU B 119 2.04 14.26 9.75
CA GLU B 119 1.12 14.05 10.87
C GLU B 119 1.17 12.62 11.38
N TYR B 120 1.31 11.64 10.48
CA TYR B 120 1.39 10.25 10.94
C TYR B 120 2.72 9.99 11.67
N LEU B 121 3.79 10.65 11.23
CA LEU B 121 5.05 10.57 11.93
C LEU B 121 4.91 11.07 13.35
N ARG B 122 4.25 12.21 13.53
CA ARG B 122 4.07 12.73 14.87
C ARG B 122 3.30 11.74 15.75
N SER B 123 2.30 11.06 15.19
CA SER B 123 1.52 10.13 15.99
C SER B 123 2.33 8.92 16.41
N ILE B 124 3.16 8.39 15.51
CA ILE B 124 3.99 7.26 15.92
C ILE B 124 5.11 7.69 16.85
N LYS B 125 5.52 8.95 16.82
CA LYS B 125 6.46 9.43 17.82
C LYS B 125 5.87 9.37 19.22
N LYS B 126 4.59 9.78 19.36
CA LYS B 126 3.90 9.68 20.64
C LYS B 126 3.68 8.22 21.04
N GLN B 127 3.30 7.37 20.09
CA GLN B 127 3.06 5.96 20.40
C GLN B 127 4.33 5.27 20.88
N LEU B 128 5.48 5.57 20.25
CA LEU B 128 6.71 4.88 20.56
C LEU B 128 7.36 5.40 21.84
N HIS B 129 7.02 6.59 22.29
CA HIS B 129 7.60 7.11 23.50
C HIS B 129 7.41 6.11 24.63
N PRO B 130 8.41 5.92 25.53
CA PRO B 130 9.71 6.60 25.56
C PRO B 130 10.79 5.76 24.94
N SER B 131 10.48 4.98 23.93
CA SER B 131 11.47 4.13 23.32
C SER B 131 12.41 4.91 22.42
N LYS B 132 13.66 4.49 22.37
CA LYS B 132 14.61 5.02 21.41
C LYS B 132 14.31 4.48 20.02
N ILE B 133 14.38 5.35 19.03
CA ILE B 133 13.99 5.03 17.65
C ILE B 133 15.24 4.93 16.77
N ILE B 134 15.29 3.91 15.94
CA ILE B 134 16.27 3.78 14.88
C ILE B 134 15.52 3.80 13.55
N LEU B 135 15.86 4.75 12.69
CA LEU B 135 15.13 4.98 11.46
C LEU B 135 15.83 4.28 10.32
N ILE B 136 15.07 3.59 9.50
CA ILE B 136 15.54 3.05 8.23
C ILE B 136 14.51 3.38 7.15
N SER B 137 14.92 4.08 6.12
CA SER B 137 14.00 4.47 5.04
C SER B 137 14.53 3.95 3.72
N ASP B 138 13.73 3.12 3.05
CA ASP B 138 13.99 2.75 1.67
C ASP B 138 12.80 3.10 0.79
N VAL B 139 12.19 4.27 1.03
CA VAL B 139 11.01 4.64 0.26
C VAL B 139 11.34 4.78 -1.22
N ARG B 140 10.43 4.36 -2.08
CA ARG B 140 10.62 4.44 -3.52
C ARG B 140 9.31 4.85 -4.16
N SER B 141 9.32 5.95 -4.94
CA SER B 141 8.13 6.34 -5.70
C SER B 141 8.02 5.55 -7.02
N LYS B 142 9.14 5.09 -7.58
CA LYS B 142 9.14 4.24 -8.78
C LYS B 142 10.56 3.77 -9.12
N GLU B 147 13.01 4.39 -14.07
CA GLU B 147 13.75 5.29 -13.20
C GLU B 147 12.86 6.41 -12.65
N PRO B 148 13.22 6.99 -11.51
CA PRO B 148 12.40 8.04 -10.93
C PRO B 148 12.83 9.42 -11.38
N SER B 149 11.86 10.32 -11.57
CA SER B 149 12.18 11.68 -11.95
C SER B 149 12.89 12.40 -10.80
N THR B 150 13.61 13.46 -11.16
CA THR B 150 14.26 14.27 -10.13
C THR B 150 13.23 14.82 -9.17
N ALA B 151 12.05 15.21 -9.67
CA ALA B 151 11.00 15.68 -8.79
C ALA B 151 10.61 14.60 -7.78
N ASP B 152 10.52 13.35 -8.23
CA ASP B 152 10.20 12.24 -7.32
C ASP B 152 11.26 12.11 -6.23
N LEU B 153 12.55 12.13 -6.64
CA LEU B 153 13.62 12.00 -5.67
C LEU B 153 13.54 13.08 -4.62
N LEU B 154 13.43 14.33 -5.06
CA LEU B 154 13.39 15.45 -4.12
C LEU B 154 12.22 15.33 -3.16
N SER B 155 11.13 14.73 -3.61
CA SER B 155 10.01 14.48 -2.70
C SER B 155 10.40 13.51 -1.59
N ASN B 156 10.95 12.34 -1.96
CA ASN B 156 11.37 11.35 -0.97
C ASN B 156 12.36 11.95 0.01
N TYR B 157 13.36 12.65 -0.49
CA TYR B 157 14.37 13.20 0.40
C TYR B 157 13.79 14.22 1.34
N ALA B 158 12.93 15.09 0.84
CA ALA B 158 12.24 16.02 1.74
C ALA B 158 11.53 15.29 2.85
N LEU B 159 10.85 14.19 2.51
CA LEU B 159 10.14 13.40 3.53
C LEU B 159 11.12 12.70 4.48
N GLN B 160 12.23 12.17 3.94
CA GLN B 160 13.22 11.53 4.80
C GLN B 160 13.76 12.50 5.85
N ASN B 161 13.88 13.79 5.52
CA ASN B 161 14.35 14.77 6.49
C ASN B 161 13.28 15.02 7.56
N VAL B 162 12.01 15.07 7.15
CA VAL B 162 10.92 15.19 8.11
C VAL B 162 10.88 13.97 9.05
N MET B 163 11.24 12.79 8.54
CA MET B 163 11.30 11.61 9.40
C MET B 163 12.25 11.83 10.55
N ILE B 164 13.45 12.32 10.27
CA ILE B 164 14.44 12.50 11.32
C ILE B 164 14.04 13.64 12.26
N SER B 165 13.62 14.77 11.69
CA SER B 165 13.27 15.92 12.54
C SER B 165 12.10 15.60 13.48
N ILE B 166 11.10 14.85 12.99
CA ILE B 166 9.97 14.52 13.84
C ILE B 166 10.32 13.40 14.80
N LEU B 167 10.80 12.26 14.26
CA LEU B 167 11.02 11.08 15.07
C LEU B 167 12.20 11.24 16.05
N ASN B 168 13.08 12.20 15.84
CA ASN B 168 14.30 12.42 16.62
C ASN B 168 14.97 11.09 16.94
N PRO B 169 15.39 10.35 15.94
CA PRO B 169 16.02 9.05 16.20
C PRO B 169 17.48 9.14 16.65
N VAL B 170 17.95 8.04 17.27
CA VAL B 170 19.35 7.99 17.70
C VAL B 170 20.28 7.73 16.54
N ALA B 171 19.78 7.11 15.47
CA ALA B 171 20.58 6.86 14.26
C ALA B 171 19.61 6.60 13.11
N SER B 172 20.11 6.71 11.89
CA SER B 172 19.25 6.56 10.73
C SER B 172 20.07 6.04 9.56
N SER B 173 19.38 5.34 8.65
CA SER B 173 19.93 4.94 7.37
C SER B 173 18.96 5.39 6.28
N LEU B 174 19.42 6.25 5.37
CA LEU B 174 18.56 6.87 4.38
C LEU B 174 18.99 6.47 2.99
N LYS B 175 18.03 6.07 2.17
CA LYS B 175 18.27 5.91 0.74
C LYS B 175 18.85 7.21 0.17
N TRP B 176 19.96 7.09 -0.54
CA TRP B 176 20.66 8.26 -1.06
C TRP B 176 21.13 7.99 -2.48
N ARG B 177 20.59 8.76 -3.44
CA ARG B 177 21.04 8.73 -4.84
C ARG B 177 20.85 10.14 -5.40
N CYS B 178 21.96 10.80 -5.72
CA CYS B 178 21.90 12.16 -6.22
C CYS B 178 21.16 12.18 -7.56
N PRO B 179 20.29 13.16 -7.80
CA PRO B 179 19.70 13.31 -9.13
C PRO B 179 20.79 13.58 -10.16
N PHE B 180 20.51 13.19 -11.41
CA PHE B 180 21.50 13.32 -12.45
C PHE B 180 21.70 14.80 -12.80
N PRO B 181 22.95 15.23 -13.04
CA PRO B 181 23.19 16.66 -13.29
C PRO B 181 22.47 17.18 -14.54
N ASP B 182 22.35 16.36 -15.57
CA ASP B 182 21.57 16.74 -16.74
C ASP B 182 20.08 16.79 -16.44
N GLN B 183 19.67 16.47 -15.22
CA GLN B 183 18.27 16.50 -14.84
C GLN B 183 18.07 17.38 -13.61
N TRP B 184 19.00 18.29 -13.33
CA TRP B 184 18.91 19.11 -12.13
C TRP B 184 17.62 19.93 -12.12
N ILE B 185 17.27 20.41 -10.93
CA ILE B 185 16.06 21.22 -10.75
C ILE B 185 16.39 22.34 -9.79
N LYS B 186 16.81 22.00 -8.58
CA LYS B 186 17.14 23.00 -7.57
C LYS B 186 18.06 22.38 -6.53
N ASP B 187 18.82 23.23 -5.85
CA ASP B 187 19.61 22.75 -4.72
C ASP B 187 18.67 22.25 -3.63
N PHE B 188 19.07 21.16 -2.95
CA PHE B 188 18.32 20.64 -1.82
C PHE B 188 19.29 20.21 -0.73
N TYR B 189 18.75 19.92 0.45
CA TYR B 189 19.55 19.54 1.60
C TYR B 189 19.25 18.12 2.01
N ILE B 190 20.28 17.44 2.49
CA ILE B 190 20.15 16.10 3.05
C ILE B 190 20.91 16.07 4.38
N PRO B 191 20.60 15.11 5.25
CA PRO B 191 21.28 15.06 6.55
C PRO B 191 22.75 14.70 6.39
N HIS B 192 23.57 15.22 7.29
CA HIS B 192 24.97 14.84 7.35
C HIS B 192 25.12 13.38 7.78
N GLY B 193 26.11 12.70 7.22
CA GLY B 193 26.33 11.31 7.55
C GLY B 193 27.25 10.67 6.56
N ASN B 194 27.62 9.43 6.87
CA ASN B 194 28.56 8.68 6.02
C ASN B 194 27.79 8.01 4.89
N LYS B 195 28.37 8.05 3.70
CA LYS B 195 27.70 7.55 2.49
C LYS B 195 28.21 6.14 2.20
N MET B 196 27.68 5.17 2.94
CA MET B 196 28.09 3.78 2.78
C MET B 196 27.76 3.28 1.38
N LEU B 197 28.73 2.64 0.74
CA LEU B 197 28.54 2.00 -0.56
C LEU B 197 28.01 0.59 -0.36
N GLN B 198 27.27 0.12 -1.35
CA GLN B 198 26.50 -1.11 -1.24
C GLN B 198 27.02 -2.15 -2.22
N PRO B 199 27.57 -3.28 -1.76
CA PRO B 199 27.88 -4.37 -2.67
C PRO B 199 26.60 -4.99 -3.20
N PHE B 200 26.73 -5.62 -4.37
CA PHE B 200 25.62 -6.29 -5.05
C PHE B 200 24.47 -5.33 -5.40
N ALA B 201 24.74 -4.01 -5.42
CA ALA B 201 23.79 -3.07 -6.00
C ALA B 201 23.72 -3.26 -7.51
N PRO B 202 22.68 -2.73 -8.15
CA PRO B 202 22.60 -2.81 -9.62
C PRO B 202 23.92 -2.40 -10.24
N SER B 203 24.21 -3.01 -11.41
CA SER B 203 25.54 -2.92 -12.01
C SER B 203 26.04 -1.47 -12.09
N TYR B 204 25.20 -0.56 -12.59
CA TYR B 204 25.57 0.84 -12.74
C TYR B 204 24.75 1.77 -11.84
N SER B 205 24.26 1.24 -10.72
CA SER B 205 23.46 2.04 -9.79
C SER B 205 24.35 3.02 -9.04
N ALA B 206 23.89 4.25 -8.92
CA ALA B 206 24.61 5.28 -8.18
C ALA B 206 24.04 5.50 -6.78
N GLU B 207 23.28 4.52 -6.27
CA GLU B 207 22.60 4.64 -4.98
C GLU B 207 23.53 4.20 -3.86
N MET B 208 23.46 4.90 -2.72
CA MET B 208 24.20 4.55 -1.53
C MET B 208 23.33 4.84 -0.31
N ARG B 209 23.73 4.32 0.85
CA ARG B 209 22.97 4.49 2.07
C ARG B 209 23.64 5.55 2.92
N LEU B 210 22.82 6.46 3.47
CA LEU B 210 23.32 7.56 4.28
C LEU B 210 23.15 7.22 5.77
N LEU B 211 24.26 7.01 6.48
CA LEU B 211 24.23 6.53 7.85
C LEU B 211 24.64 7.64 8.81
N SER B 212 23.80 7.90 9.80
CA SER B 212 24.02 9.04 10.69
C SER B 212 23.68 8.64 12.11
N ILE B 213 24.56 8.98 13.04
CA ILE B 213 24.34 8.76 14.47
C ILE B 213 24.24 10.12 15.11
N TYR B 214 23.16 10.35 15.85
CA TYR B 214 22.81 11.66 16.38
C TYR B 214 23.12 11.74 17.87
N THR B 215 23.56 12.93 18.29
CA THR B 215 23.90 13.15 19.69
C THR B 215 22.70 13.80 20.40
N ASN B 218 21.08 17.39 17.13
CA ASN B 218 22.39 17.20 16.49
C ASN B 218 22.29 17.12 14.96
N MET B 219 21.06 17.20 14.43
CA MET B 219 20.83 17.11 12.99
C MET B 219 21.45 18.31 12.26
N ARG B 220 22.35 18.03 11.35
CA ARG B 220 22.99 19.02 10.52
C ARG B 220 22.68 18.69 9.07
N LEU B 221 21.99 19.59 8.38
CA LEU B 221 21.72 19.41 6.96
C LEU B 221 22.89 19.91 6.13
N THR B 222 23.09 19.30 4.97
CA THR B 222 24.14 19.66 4.03
C THR B 222 23.54 19.87 2.64
N ARG B 223 24.01 20.91 1.96
CA ARG B 223 23.49 21.27 0.65
C ARG B 223 24.01 20.33 -0.42
N VAL B 224 23.21 20.13 -1.45
CA VAL B 224 23.55 19.31 -2.60
C VAL B 224 23.39 20.18 -3.84
N THR B 225 24.50 20.40 -4.58
CA THR B 225 24.51 21.30 -5.72
C THR B 225 24.67 20.51 -7.01
N LYS B 226 24.41 21.19 -8.13
CA LYS B 226 24.54 20.54 -9.43
C LYS B 226 25.97 20.08 -9.67
N SER B 227 26.94 20.88 -9.24
CA SER B 227 28.33 20.43 -9.33
C SER B 227 28.54 19.16 -8.51
N ASP B 228 27.82 19.04 -7.39
CA ASP B 228 27.88 17.79 -6.62
C ASP B 228 27.32 16.63 -7.41
N ALA B 229 26.20 16.86 -8.12
CA ALA B 229 25.60 15.81 -8.93
C ALA B 229 26.58 15.29 -9.98
N VAL B 230 27.42 16.17 -10.53
CA VAL B 230 28.41 15.73 -11.50
C VAL B 230 29.45 14.84 -10.83
N ASN B 231 29.95 15.27 -9.67
CA ASN B 231 30.96 14.47 -8.97
C ASN B 231 30.38 13.12 -8.55
N TYR B 232 29.11 13.07 -8.17
CA TYR B 232 28.47 11.81 -7.84
C TYR B 232 28.42 10.91 -9.05
N GLU B 233 27.87 11.41 -10.17
CA GLU B 233 27.77 10.62 -11.38
C GLU B 233 29.13 10.14 -11.84
N LYS B 234 30.14 11.01 -11.80
CA LYS B 234 31.46 10.64 -12.29
C LYS B 234 32.09 9.59 -11.39
N LYS B 235 32.17 9.86 -10.08
CA LYS B 235 32.81 8.93 -9.16
C LYS B 235 32.09 7.58 -9.16
N MET B 236 30.76 7.59 -9.19
CA MET B 236 30.01 6.34 -9.11
C MET B 236 30.07 5.57 -10.42
N TYR B 237 30.24 6.25 -11.55
CA TYR B 237 30.39 5.55 -12.82
C TYR B 237 31.73 4.84 -12.91
N TYR B 238 32.78 5.47 -12.38
CA TYR B 238 34.08 4.82 -12.29
C TYR B 238 34.02 3.58 -11.41
N LEU B 239 33.29 3.65 -10.29
CA LEU B 239 33.16 2.50 -9.41
C LEU B 239 32.38 1.37 -10.07
N ASN B 240 31.34 1.71 -10.85
CA ASN B 240 30.50 0.69 -11.47
C ASN B 240 31.15 0.09 -12.71
N LYS B 241 31.94 0.88 -13.45
CA LYS B 241 32.52 0.42 -14.71
C LYS B 241 33.91 -0.16 -14.55
N ILE B 242 34.67 0.29 -13.53
CA ILE B 242 36.05 -0.15 -13.35
C ILE B 242 36.21 -0.97 -12.06
N VAL B 243 35.99 -0.33 -10.90
CA VAL B 243 36.31 -0.96 -9.61
C VAL B 243 35.53 -2.26 -9.42
N ARG B 244 34.23 -2.24 -9.70
CA ARG B 244 33.38 -3.40 -9.48
C ARG B 244 33.56 -4.50 -10.51
N ASN B 245 34.28 -4.25 -11.60
CA ASN B 245 34.53 -5.26 -12.62
C ASN B 245 35.89 -5.94 -12.47
N LYS B 246 36.58 -5.71 -11.36
CA LYS B 246 37.90 -6.25 -11.10
C LYS B 246 37.79 -7.53 -10.28
N VAL B 247 38.84 -8.35 -10.38
CA VAL B 247 38.99 -9.55 -9.56
C VAL B 247 40.20 -9.35 -8.65
N VAL B 248 39.98 -9.35 -7.34
CA VAL B 248 41.07 -9.14 -6.40
C VAL B 248 41.83 -10.45 -6.28
N ILE B 249 43.08 -10.45 -6.74
CA ILE B 249 43.84 -11.70 -6.78
C ILE B 249 44.48 -12.01 -5.42
N ASN B 250 44.71 -10.99 -4.60
CA ASN B 250 45.25 -11.19 -3.26
C ASN B 250 44.16 -11.42 -2.23
N PHE B 251 42.95 -11.76 -2.69
CA PHE B 251 41.80 -11.96 -1.82
C PHE B 251 41.61 -13.46 -1.61
N ASP B 252 41.89 -13.92 -0.38
CA ASP B 252 41.73 -15.33 -0.03
C ASP B 252 40.25 -15.63 0.17
N TYR B 253 39.61 -16.16 -0.88
CA TYR B 253 38.19 -16.43 -0.84
C TYR B 253 37.77 -17.26 -2.06
N PRO B 254 36.79 -18.17 -1.92
CA PRO B 254 36.29 -18.89 -3.10
C PRO B 254 35.80 -18.00 -4.22
N ASN B 255 35.36 -16.78 -3.93
CA ASN B 255 34.90 -15.82 -4.93
C ASN B 255 35.71 -14.55 -4.76
N GLN B 256 36.41 -14.15 -5.81
CA GLN B 256 37.33 -13.03 -5.75
C GLN B 256 36.81 -11.79 -6.46
N GLU B 257 35.60 -11.84 -7.00
CA GLU B 257 34.98 -10.66 -7.60
C GLU B 257 34.85 -9.56 -6.56
N TYR B 258 34.95 -8.31 -7.03
CA TYR B 258 35.07 -7.18 -6.12
C TYR B 258 33.92 -7.15 -5.12
N ASP B 259 32.71 -7.50 -5.57
CA ASP B 259 31.55 -7.39 -4.69
C ASP B 259 31.67 -8.35 -3.50
N TYR B 260 32.20 -9.54 -3.73
CA TYR B 260 32.44 -10.45 -2.62
C TYR B 260 33.57 -9.94 -1.72
N PHE B 261 34.62 -9.40 -2.32
CA PHE B 261 35.65 -8.71 -1.55
C PHE B 261 35.02 -7.59 -0.71
N HIS B 262 34.07 -6.85 -1.30
CA HIS B 262 33.35 -5.80 -0.57
C HIS B 262 32.50 -6.40 0.54
N MET B 263 31.71 -7.43 0.22
CA MET B 263 30.89 -8.05 1.23
C MET B 263 31.74 -8.57 2.37
N TYR B 264 32.91 -9.10 2.04
CA TYR B 264 33.79 -9.66 3.07
C TYR B 264 34.06 -8.64 4.17
N PHE B 265 34.38 -7.40 3.78
CA PHE B 265 34.79 -6.42 4.79
C PHE B 265 33.61 -5.95 5.64
N MET B 266 32.42 -5.87 5.04
CA MET B 266 31.22 -5.53 5.81
C MET B 266 30.93 -6.63 6.85
N LEU B 267 30.89 -7.90 6.41
CA LEU B 267 30.46 -8.98 7.28
C LEU B 267 31.41 -9.14 8.46
N ARG B 268 32.68 -8.78 8.29
CA ARG B 268 33.63 -8.96 9.39
C ARG B 268 33.30 -8.09 10.59
N THR B 269 32.44 -7.09 10.43
CA THR B 269 31.97 -6.27 11.53
C THR B 269 30.69 -6.81 12.17
N VAL B 270 30.19 -7.95 11.74
CA VAL B 270 28.97 -8.53 12.28
C VAL B 270 29.32 -9.45 13.44
N TYR B 271 28.64 -9.25 14.57
CA TYR B 271 28.81 -10.10 15.75
C TYR B 271 28.33 -11.51 15.44
N CYS B 272 28.86 -12.46 16.19
CA CYS B 272 28.45 -13.85 16.00
C CYS B 272 28.59 -14.61 17.32
N ASN B 273 27.64 -15.51 17.58
CA ASN B 273 27.71 -16.32 18.79
C ASN B 273 28.72 -17.45 18.62
N LYS B 274 28.80 -18.02 17.41
CA LYS B 274 29.79 -19.04 17.14
C LYS B 274 31.16 -18.42 17.03
N THR B 275 32.14 -19.07 17.65
CA THR B 275 33.54 -18.67 17.51
C THR B 275 34.16 -19.43 16.35
N PHE B 276 35.08 -18.78 15.67
CA PHE B 276 35.73 -19.34 14.49
C PHE B 276 37.24 -19.26 14.63
N PRO B 277 37.97 -20.14 13.92
CA PRO B 277 39.44 -20.09 13.94
C PRO B 277 39.99 -18.86 13.23
N THR B 278 39.56 -18.64 11.98
CA THR B 278 40.02 -17.54 11.17
C THR B 278 38.86 -16.62 10.77
N THR B 279 39.22 -15.38 10.44
CA THR B 279 38.21 -14.46 9.91
C THR B 279 37.56 -15.01 8.66
N LYS B 280 38.32 -15.71 7.82
CA LYS B 280 37.75 -16.29 6.62
C LYS B 280 36.73 -17.37 6.96
N ALA B 281 36.86 -18.00 8.14
CA ALA B 281 35.89 -19.01 8.53
C ALA B 281 34.55 -18.37 8.91
N LYS B 282 34.61 -17.21 9.57
CA LYS B 282 33.39 -16.49 9.94
C LYS B 282 32.65 -15.96 8.70
N ILE B 283 33.35 -15.24 7.82
CA ILE B 283 32.71 -14.67 6.63
C ILE B 283 32.07 -15.77 5.79
N LEU B 284 32.75 -16.89 5.61
CA LEU B 284 32.20 -17.96 4.80
C LEU B 284 30.91 -18.52 5.41
N PHE B 285 30.89 -18.65 6.74
CA PHE B 285 29.69 -19.15 7.39
C PHE B 285 28.55 -18.14 7.25
N LEU B 286 28.84 -16.84 7.38
CA LEU B 286 27.79 -15.83 7.28
C LEU B 286 27.27 -15.74 5.84
N GLN B 287 28.19 -15.62 4.87
CA GLN B 287 27.78 -15.56 3.48
C GLN B 287 26.90 -16.76 3.12
N GLN B 288 27.36 -17.98 3.46
CA GLN B 288 26.55 -19.13 3.20
C GLN B 288 25.21 -19.06 3.91
N SER B 289 25.22 -18.60 5.16
CA SER B 289 24.00 -18.41 5.94
C SER B 289 23.02 -17.47 5.24
N ILE B 290 23.52 -16.30 4.79
CA ILE B 290 22.65 -15.30 4.18
C ILE B 290 22.14 -15.75 2.83
N PHE B 291 23.01 -16.37 2.02
CA PHE B 291 22.59 -16.86 0.70
C PHE B 291 21.55 -17.97 0.81
N ARG B 292 21.81 -18.96 1.68
CA ARG B 292 20.83 -20.02 1.88
C ARG B 292 19.49 -19.44 2.26
N PHE B 293 19.49 -18.48 3.20
CA PHE B 293 18.24 -17.84 3.62
C PHE B 293 17.51 -17.23 2.43
N LEU B 294 18.23 -16.46 1.60
CA LEU B 294 17.66 -15.75 0.49
C LEU B 294 17.42 -16.62 -0.73
N ASN B 295 17.73 -17.90 -0.64
CA ASN B 295 17.54 -18.82 -1.77
C ASN B 295 18.42 -18.41 -2.95
N ILE B 296 19.71 -18.27 -2.68
CA ILE B 296 20.70 -17.93 -3.69
C ILE B 296 21.72 -19.08 -3.77
N PRO B 297 21.91 -19.71 -4.96
CA PRO B 297 22.85 -20.82 -5.14
C PRO B 297 24.28 -20.45 -4.77
N SAH C . -20.54 0.03 5.71
CA SAH C . -20.87 0.70 7.00
CB SAH C . -20.33 2.13 7.02
CG SAH C . -18.84 2.18 7.19
SD SAH C . -18.18 3.84 7.47
C SAH C . -22.38 0.67 7.18
O SAH C . -22.91 1.55 7.86
OXT SAH C . -22.96 -0.25 6.66
C5' SAH C . -16.40 3.55 7.67
C4' SAH C . -16.05 2.42 8.60
O4' SAH C . -14.71 1.95 8.34
C3' SAH C . -16.07 2.80 10.09
O3' SAH C . -17.13 2.13 10.75
C2' SAH C . -14.69 2.37 10.61
O2' SAH C . -14.76 1.80 11.89
C1' SAH C . -14.29 1.36 9.54
N9 SAH C . -12.87 1.07 9.45
C8 SAH C . -11.86 1.95 9.13
N7 SAH C . -10.67 1.39 9.13
C5 SAH C . -10.91 0.06 9.45
C6 SAH C . -10.06 -1.04 9.61
N6 SAH C . -8.74 -0.98 9.44
N1 SAH C . -10.63 -2.22 9.93
C2 SAH C . -11.96 -2.27 10.10
N3 SAH C . -12.86 -1.31 9.98
C4 SAH C . -12.26 -0.14 9.65
HN1 SAH C . -20.57 0.63 5.03
HN2 SAH C . -21.14 -0.64 5.55
HA SAH C . -20.45 0.17 7.71
HB1 SAH C . -20.74 2.62 7.76
HB2 SAH C . -20.59 2.58 6.19
HG1 SAH C . -18.41 1.81 6.38
HG2 SAH C . -18.60 1.62 7.94
H5'1 SAH C . -15.99 4.35 8.00
H5'2 SAH C . -16.03 3.36 6.82
H4' SAH C . -16.66 1.67 8.47
H3' SAH C . -16.19 3.78 10.19
HO3' SAH C . -17.17 1.33 10.47
H2' SAH C . -14.06 3.14 10.60
HO2' SAH C . -15.50 1.41 11.98
H1' SAH C . -14.78 0.53 9.68
H8 SAH C . -12.00 2.86 8.94
HN61 SAH C . -8.37 -0.25 9.15
HN62 SAH C . -8.26 -1.68 9.64
H2 SAH C . -12.30 -3.12 10.33
HN3 SAH C . -19.70 -0.33 5.74
#